data_8QDZ
#
_entry.id   8QDZ
#
_cell.length_a   67.827
_cell.length_b   94.064
_cell.length_c   116.532
_cell.angle_alpha   90.00
_cell.angle_beta   90.00
_cell.angle_gamma   90.00
#
_symmetry.space_group_name_H-M   'I 2 2 2'
#
loop_
_entity.id
_entity.type
_entity.pdbx_description
1 polymer 'S-adenosylmethionine synthase isoform type-2'
2 non-polymer 3-cyclopropyl-4-(4-methoxyphenyl)-5-oxidanyl-pyrazolo[4,3-c]pyridine
3 non-polymer S-ADENOSYLMETHIONINE
4 water water
#
_entity_poly.entity_id   1
_entity_poly.type   'polypeptide(L)'
_entity_poly.pdbx_seq_one_letter_code
;QSMNGQLNGFHEAFIEEGTFLFTSESVGEGHPDKICDQISDAVLDAHLQQDPDAKVACETVAKTGMILLAGEITSRAAVD
YQKVVREAVKHIGYDDSSKGFDYKTCNVLVALEQQSPDIAQGVHLDRNEEDIGAGDQGLMFGYATDETEECMPLTIVLAH
KLNAKLAELRRNGTLPWLRPDSKTQVTVQYMQDRGAVLPIRVHTIVISVQHDEEVCLDEMRDALKEKVIKAVVPAKYLDE
DTIYHLQPSGRFVIGGPQGDAGLTGRKIIVDTYGGWGAHGGGAFSGKDYTKVDRSAAYAARWVAKSLVKGGLCRRVLVQV
SYAIGVSHPLSISIFHYGTSQKSERELLEIVKKNFDLRPGVIVRDLDLKKPIYQRTAAYGHFGRDSFPWEVPKKLKY
;
_entity_poly.pdbx_strand_id   A
#
loop_
_chem_comp.id
_chem_comp.type
_chem_comp.name
_chem_comp.formula
SAM non-polymer S-ADENOSYLMETHIONINE 'C15 H22 N6 O5 S'
U6R non-polymer 3-cyclopropyl-4-(4-methoxyphenyl)-5-oxidanyl-pyrazolo[4,3-c]pyridine 'C16 H15 N3 O2'
#
# COMPACT_ATOMS: atom_id res chain seq x y z
N GLY A 18 19.32 -20.30 14.67
CA GLY A 18 19.46 -19.15 13.78
C GLY A 18 18.27 -18.92 12.88
N THR A 19 17.34 -19.89 12.80
CA THR A 19 16.15 -19.73 11.95
C THR A 19 14.97 -19.21 12.73
N PHE A 20 14.02 -18.58 12.02
CA PHE A 20 12.82 -18.05 12.65
C PHE A 20 11.70 -17.96 11.61
N LEU A 21 10.48 -17.81 12.08
CA LEU A 21 9.34 -17.67 11.19
C LEU A 21 8.86 -16.21 11.18
N PHE A 22 8.35 -15.77 10.06
CA PHE A 22 7.74 -14.44 9.97
C PHE A 22 6.57 -14.56 9.04
N THR A 23 5.46 -13.90 9.39
CA THR A 23 4.24 -13.96 8.60
C THR A 23 3.84 -12.55 8.14
N SER A 24 3.37 -12.44 6.89
CA SER A 24 2.76 -11.21 6.39
C SER A 24 1.47 -11.56 5.65
N GLU A 25 0.59 -10.58 5.49
CA GLU A 25 -0.65 -10.81 4.75
C GLU A 25 -0.82 -9.75 3.65
N SER A 26 -1.72 -10.05 2.72
CA SER A 26 -2.14 -9.10 1.72
C SER A 26 -3.64 -9.30 1.47
N VAL A 27 -4.24 -8.34 0.77
CA VAL A 27 -5.65 -8.46 0.42
C VAL A 27 -5.85 -8.11 -1.05
N GLY A 28 -6.97 -8.56 -1.60
CA GLY A 28 -7.27 -8.27 -2.98
C GLY A 28 -7.93 -6.91 -3.21
N GLU A 29 -8.10 -6.58 -4.49
CA GLU A 29 -8.71 -5.33 -4.90
C GLU A 29 -10.15 -5.17 -4.39
N GLY A 30 -10.87 -6.27 -4.21
CA GLY A 30 -12.24 -6.21 -3.73
C GLY A 30 -12.42 -6.39 -2.25
N HIS A 31 -11.30 -6.46 -1.47
CA HIS A 31 -11.41 -6.47 -0.02
C HIS A 31 -12.01 -5.09 0.35
N PRO A 32 -13.01 -5.03 1.24
CA PRO A 32 -13.74 -3.76 1.43
C PRO A 32 -12.86 -2.58 1.84
N ASP A 33 -11.82 -2.84 2.67
CA ASP A 33 -10.92 -1.76 3.06
C ASP A 33 -10.15 -1.28 1.83
N LYS A 34 -9.67 -2.23 1.00
CA LYS A 34 -8.95 -1.87 -0.21
C LYS A 34 -9.82 -1.18 -1.25
N ILE A 35 -11.14 -1.51 -1.33
CA ILE A 35 -12.05 -0.76 -2.18
C ILE A 35 -12.02 0.74 -1.79
N CYS A 36 -12.07 0.99 -0.48
CA CYS A 36 -12.05 2.34 0.03
C CYS A 36 -10.76 3.06 -0.32
N ASP A 37 -9.60 2.41 -0.15
CA ASP A 37 -8.34 3.04 -0.53
C ASP A 37 -8.31 3.37 -2.03
N GLN A 38 -8.81 2.48 -2.89
CA GLN A 38 -8.80 2.73 -4.32
C GLN A 38 -9.77 3.86 -4.67
N ILE A 39 -10.95 3.93 -4.02
CA ILE A 39 -11.89 5.02 -4.31
C ILE A 39 -11.30 6.34 -3.84
N SER A 40 -10.73 6.37 -2.62
CA SER A 40 -10.12 7.61 -2.11
C SER A 40 -9.04 8.12 -3.07
N ASP A 41 -8.21 7.20 -3.62
CA ASP A 41 -7.18 7.60 -4.56
C ASP A 41 -7.71 7.92 -5.96
N ALA A 42 -8.85 7.33 -6.37
CA ALA A 42 -9.49 7.71 -7.62
C ALA A 42 -10.00 9.16 -7.50
N VAL A 43 -10.54 9.51 -6.32
CA VAL A 43 -11.00 10.90 -6.07
C VAL A 43 -9.82 11.86 -6.11
N LEU A 44 -8.71 11.51 -5.44
CA LEU A 44 -7.51 12.34 -5.47
C LEU A 44 -7.01 12.54 -6.90
N ASP A 45 -6.95 11.45 -7.68
CA ASP A 45 -6.46 11.55 -9.05
C ASP A 45 -7.36 12.42 -9.90
N ALA A 46 -8.69 12.31 -9.69
CA ALA A 46 -9.66 13.12 -10.45
C ALA A 46 -9.42 14.61 -10.20
N HIS A 47 -9.12 14.96 -8.94
CA HIS A 47 -8.79 16.35 -8.63
C HIS A 47 -7.48 16.76 -9.23
N LEU A 48 -6.43 15.94 -9.10
CA LEU A 48 -5.11 16.31 -9.61
C LEU A 48 -5.06 16.43 -11.12
N GLN A 49 -5.91 15.71 -11.83
CA GLN A 49 -5.98 15.81 -13.29
C GLN A 49 -6.36 17.24 -13.72
N GLN A 50 -7.13 17.96 -12.91
CA GLN A 50 -7.55 19.33 -13.26
C GLN A 50 -6.83 20.39 -12.47
N ASP A 51 -6.47 20.11 -11.22
CA ASP A 51 -5.81 21.07 -10.33
C ASP A 51 -4.67 20.36 -9.63
N PRO A 52 -3.45 20.51 -10.15
CA PRO A 52 -2.28 19.85 -9.52
C PRO A 52 -2.04 20.24 -8.07
N ASP A 53 -2.57 21.39 -7.63
CA ASP A 53 -2.42 21.86 -6.26
C ASP A 53 -3.63 21.60 -5.39
N ALA A 54 -4.50 20.66 -5.78
CA ALA A 54 -5.67 20.33 -4.96
C ALA A 54 -5.24 19.86 -3.57
N LYS A 55 -5.97 20.30 -2.55
CA LYS A 55 -5.79 19.87 -1.17
C LYS A 55 -6.88 18.86 -0.93
N VAL A 56 -6.48 17.60 -0.73
CA VAL A 56 -7.40 16.46 -0.66
C VAL A 56 -7.15 15.63 0.57
N ALA A 57 -8.23 15.32 1.30
CA ALA A 57 -8.22 14.43 2.45
C ALA A 57 -9.51 13.65 2.41
N CYS A 58 -9.59 12.71 1.49
CA CYS A 58 -10.82 11.96 1.21
C CYS A 58 -10.87 10.59 1.84
N GLU A 59 -11.71 10.40 2.82
CA GLU A 59 -11.90 9.09 3.41
C GLU A 59 -13.11 8.43 2.74
N THR A 60 -13.10 7.14 2.61
CA THR A 60 -14.21 6.37 2.03
C THR A 60 -14.63 5.30 3.06
N VAL A 61 -15.95 5.07 3.15
CA VAL A 61 -16.54 4.02 3.95
C VAL A 61 -17.40 3.19 3.01
N ALA A 62 -17.31 1.88 3.13
CA ALA A 62 -18.11 0.99 2.28
C ALA A 62 -18.83 -0.01 3.14
N LYS A 63 -20.13 -0.13 2.93
CA LYS A 63 -20.91 -1.18 3.60
C LYS A 63 -21.95 -1.61 2.55
N THR A 64 -22.76 -2.62 2.82
CA THR A 64 -23.78 -3.11 1.87
C THR A 64 -24.49 -1.97 1.13
N GLY A 65 -24.31 -1.94 -0.18
CA GLY A 65 -24.94 -0.97 -1.05
C GLY A 65 -24.48 0.46 -0.94
N MET A 66 -23.43 0.75 -0.15
CA MET A 66 -23.07 2.14 0.09
C MET A 66 -21.60 2.42 -0.04
N ILE A 67 -21.30 3.55 -0.70
CA ILE A 67 -19.99 4.17 -0.67
C ILE A 67 -20.26 5.56 -0.11
N LEU A 68 -19.62 5.91 1.01
CA LEU A 68 -19.71 7.25 1.56
C LEU A 68 -18.33 7.90 1.47
N LEU A 69 -18.25 9.10 0.92
CA LEU A 69 -17.03 9.90 0.90
C LEU A 69 -17.13 10.96 2.02
N ALA A 70 -16.16 11.02 2.92
CA ALA A 70 -16.18 11.98 4.03
C ALA A 70 -14.81 12.59 4.14
N GLY A 71 -14.75 13.89 4.27
CA GLY A 71 -13.45 14.54 4.35
C GLY A 71 -13.49 15.94 3.85
N GLU A 72 -12.30 16.39 3.46
CA GLU A 72 -12.05 17.78 3.14
C GLU A 72 -11.26 17.91 1.86
N ILE A 73 -11.81 18.69 0.93
CA ILE A 73 -11.17 18.96 -0.35
C ILE A 73 -11.31 20.42 -0.71
N THR A 74 -10.21 21.10 -0.99
CA THR A 74 -10.23 22.47 -1.53
C THR A 74 -9.49 22.38 -2.85
N SER A 75 -10.22 22.65 -3.93
CA SER A 75 -9.69 22.42 -5.25
C SER A 75 -10.45 23.24 -6.26
N ARG A 76 -9.76 23.58 -7.34
CA ARG A 76 -10.42 24.27 -8.47
C ARG A 76 -11.05 23.28 -9.47
N ALA A 77 -10.90 21.97 -9.25
CA ALA A 77 -11.44 20.98 -10.18
C ALA A 77 -12.96 20.83 -10.05
N ALA A 78 -13.59 20.46 -11.15
CA ALA A 78 -15.01 20.14 -11.18
C ALA A 78 -15.07 18.61 -11.31
N VAL A 79 -15.35 17.92 -10.21
CA VAL A 79 -15.30 16.46 -10.21
C VAL A 79 -16.68 15.87 -10.05
N ASP A 80 -17.01 14.89 -10.89
CA ASP A 80 -18.28 14.19 -10.83
C ASP A 80 -18.02 12.97 -9.92
N TYR A 81 -18.31 13.12 -8.61
CA TYR A 81 -18.06 12.04 -7.65
C TYR A 81 -18.82 10.77 -7.95
N GLN A 82 -20.06 10.87 -8.47
CA GLN A 82 -20.83 9.68 -8.80
C GLN A 82 -20.09 8.86 -9.86
N LYS A 83 -19.61 9.51 -10.91
CA LYS A 83 -18.89 8.85 -11.98
C LYS A 83 -17.55 8.28 -11.51
N VAL A 84 -16.77 9.07 -10.76
CA VAL A 84 -15.45 8.62 -10.30
C VAL A 84 -15.57 7.39 -9.42
N VAL A 85 -16.49 7.44 -8.44
CA VAL A 85 -16.69 6.33 -7.55
C VAL A 85 -17.16 5.09 -8.28
N ARG A 86 -18.19 5.20 -9.12
CA ARG A 86 -18.72 4.06 -9.81
C ARG A 86 -17.74 3.44 -10.78
N GLU A 87 -16.92 4.26 -11.44
CA GLU A 87 -15.91 3.73 -12.36
C GLU A 87 -14.83 2.93 -11.60
N ALA A 88 -14.49 3.38 -10.38
CA ALA A 88 -13.50 2.65 -9.58
C ALA A 88 -14.08 1.29 -9.15
N VAL A 89 -15.36 1.25 -8.77
CA VAL A 89 -16.01 0.00 -8.35
C VAL A 89 -16.15 -0.95 -9.55
N LYS A 90 -16.44 -0.41 -10.73
CA LYS A 90 -16.50 -1.19 -11.96
C LYS A 90 -15.15 -1.85 -12.25
N HIS A 91 -14.06 -1.09 -12.14
CA HIS A 91 -12.70 -1.62 -12.35
C HIS A 91 -12.38 -2.78 -11.42
N ILE A 92 -12.80 -2.68 -10.16
CA ILE A 92 -12.58 -3.73 -9.17
C ILE A 92 -13.33 -5.01 -9.53
N GLY A 93 -14.51 -4.89 -10.14
CA GLY A 93 -15.24 -6.07 -10.57
C GLY A 93 -16.60 -6.27 -9.94
N TYR A 94 -17.04 -5.32 -9.10
CA TYR A 94 -18.37 -5.43 -8.47
C TYR A 94 -19.44 -4.81 -9.40
N ASP A 95 -20.00 -5.67 -10.25
CA ASP A 95 -20.90 -5.21 -11.30
C ASP A 95 -22.22 -5.95 -11.35
N ASP A 96 -22.64 -6.60 -10.26
CA ASP A 96 -23.92 -7.31 -10.26
C ASP A 96 -24.34 -7.63 -8.85
N SER A 97 -25.64 -7.59 -8.58
CA SER A 97 -26.14 -7.91 -7.24
C SER A 97 -25.81 -9.37 -6.83
N SER A 98 -25.60 -10.27 -7.80
CA SER A 98 -25.19 -11.66 -7.48
C SER A 98 -23.85 -11.71 -6.79
N LYS A 99 -22.98 -10.72 -7.04
CA LYS A 99 -21.66 -10.62 -6.43
C LYS A 99 -21.66 -9.88 -5.09
N GLY A 100 -22.80 -9.33 -4.70
CA GLY A 100 -22.99 -8.63 -3.44
C GLY A 100 -22.87 -7.13 -3.50
N PHE A 101 -22.48 -6.58 -4.66
CA PHE A 101 -22.26 -5.15 -4.81
C PHE A 101 -22.25 -4.84 -6.29
N ASP A 102 -22.83 -3.72 -6.69
CA ASP A 102 -22.91 -3.33 -8.08
C ASP A 102 -22.66 -1.85 -8.24
N TYR A 103 -21.64 -1.47 -9.03
CA TYR A 103 -21.34 -0.06 -9.28
C TYR A 103 -22.52 0.69 -9.93
N LYS A 104 -23.35 0.00 -10.69
CA LYS A 104 -24.44 0.67 -11.38
C LYS A 104 -25.52 1.13 -10.44
N THR A 105 -25.75 0.39 -9.36
CA THR A 105 -26.93 0.60 -8.52
C THR A 105 -26.67 0.88 -7.06
N CYS A 106 -25.41 0.97 -6.64
CA CYS A 106 -25.11 1.26 -5.25
C CYS A 106 -25.40 2.75 -4.93
N ASN A 107 -25.49 3.06 -3.64
CA ASN A 107 -25.69 4.40 -3.18
C ASN A 107 -24.29 5.02 -3.03
N VAL A 108 -24.11 6.23 -3.57
CA VAL A 108 -22.89 7.02 -3.38
C VAL A 108 -23.33 8.31 -2.65
N LEU A 109 -22.87 8.44 -1.41
CA LEU A 109 -23.18 9.55 -0.51
C LEU A 109 -21.93 10.39 -0.35
N VAL A 110 -22.08 11.71 -0.39
CA VAL A 110 -20.95 12.62 -0.30
C VAL A 110 -21.07 13.59 0.89
N ALA A 111 -20.07 13.58 1.81
CA ALA A 111 -20.05 14.48 2.95
C ALA A 111 -18.66 15.15 2.94
N LEU A 112 -18.42 15.93 1.91
CA LEU A 112 -17.13 16.59 1.70
C LEU A 112 -17.26 18.07 1.90
N GLU A 113 -16.36 18.64 2.66
CA GLU A 113 -16.31 20.06 2.92
C GLU A 113 -14.99 20.62 2.49
N GLN A 114 -14.83 21.94 2.55
CA GLN A 114 -13.53 22.53 2.22
C GLN A 114 -12.52 22.17 3.32
N GLN A 115 -11.22 22.23 2.99
CA GLN A 115 -10.21 22.10 4.02
C GLN A 115 -10.37 23.21 5.08
N SER A 116 -10.18 22.88 6.35
CA SER A 116 -10.26 23.84 7.44
C SER A 116 -9.35 25.05 7.14
N PRO A 117 -9.91 26.26 7.17
CA PRO A 117 -9.07 27.44 6.93
C PRO A 117 -7.94 27.58 7.96
N ASP A 118 -8.13 27.05 9.20
CA ASP A 118 -7.09 27.09 10.22
C ASP A 118 -5.92 26.20 9.80
N ILE A 119 -6.20 25.02 9.18
CA ILE A 119 -5.13 24.18 8.69
C ILE A 119 -4.47 24.85 7.50
N ALA A 120 -5.27 25.38 6.57
CA ALA A 120 -4.71 26.01 5.37
C ALA A 120 -3.77 27.16 5.71
N GLN A 121 -4.15 28.02 6.64
CA GLN A 121 -3.29 29.15 7.01
C GLN A 121 -2.00 28.70 7.69
N GLY A 122 -2.06 27.60 8.42
CA GLY A 122 -0.89 27.12 9.14
C GLY A 122 0.06 26.29 8.32
N VAL A 123 -0.43 25.76 7.21
CA VAL A 123 0.37 24.86 6.39
C VAL A 123 0.90 25.45 5.08
N HIS A 124 0.02 26.05 4.27
CA HIS A 124 0.43 26.39 2.90
C HIS A 124 0.02 27.77 2.42
N LEU A 125 -0.96 28.41 3.05
CA LEU A 125 -1.36 29.74 2.56
C LEU A 125 -0.24 30.76 2.64
N ASP A 126 0.03 31.44 1.53
CA ASP A 126 1.07 32.46 1.42
C ASP A 126 2.48 31.93 1.66
N ARG A 127 2.68 30.64 1.44
CA ARG A 127 3.98 30.04 1.61
C ARG A 127 4.58 29.67 0.30
N ASN A 128 5.88 29.87 0.18
CA ASN A 128 6.66 29.45 -0.99
C ASN A 128 6.56 27.91 -1.06
N GLU A 129 6.34 27.33 -2.24
CA GLU A 129 6.14 25.87 -2.33
C GLU A 129 7.22 25.04 -1.62
N GLU A 130 8.50 25.36 -1.82
CA GLU A 130 9.58 24.62 -1.15
C GLU A 130 9.50 24.68 0.36
N ASP A 131 8.91 25.76 0.90
CA ASP A 131 8.82 26.03 2.33
C ASP A 131 7.45 25.82 2.92
N ILE A 132 6.58 25.04 2.23
CA ILE A 132 5.28 24.71 2.81
C ILE A 132 5.51 23.85 4.04
N GLY A 133 4.67 24.02 5.03
CA GLY A 133 4.81 23.25 6.25
C GLY A 133 4.25 21.87 6.02
N ALA A 134 4.66 20.93 6.87
CA ALA A 134 4.04 19.60 6.89
C ALA A 134 2.54 19.78 7.17
N GLY A 135 1.71 19.00 6.48
CA GLY A 135 0.27 19.11 6.61
C GLY A 135 -0.28 18.59 7.92
N ASP A 136 0.55 17.94 8.72
CA ASP A 136 0.19 17.42 10.01
C ASP A 136 1.50 17.04 10.71
N GLN A 137 1.44 16.79 12.04
CA GLN A 137 2.58 16.18 12.71
C GLN A 137 2.54 14.67 12.37
N GLY A 138 3.57 13.94 12.76
CA GLY A 138 3.56 12.50 12.63
C GLY A 138 4.94 11.93 12.45
N LEU A 139 5.00 10.61 12.51
CA LEU A 139 6.24 9.87 12.33
C LEU A 139 6.02 8.90 11.18
N MET A 140 7.08 8.66 10.42
CA MET A 140 7.00 7.80 9.24
C MET A 140 8.29 7.00 9.15
N PHE A 141 8.20 5.78 8.63
CA PHE A 141 9.38 4.96 8.43
C PHE A 141 9.52 4.51 7.00
N GLY A 142 10.76 4.28 6.61
CA GLY A 142 11.11 3.69 5.32
C GLY A 142 11.91 2.43 5.61
N TYR A 143 11.77 1.40 4.80
CA TYR A 143 12.49 0.15 5.00
C TYR A 143 12.90 -0.43 3.67
N ALA A 144 14.04 -1.11 3.66
CA ALA A 144 14.47 -1.85 2.48
C ALA A 144 15.30 -3.02 2.93
N THR A 145 15.22 -4.12 2.17
CA THR A 145 15.94 -5.36 2.47
C THR A 145 16.44 -5.94 1.15
N ASP A 146 17.67 -6.44 1.13
CA ASP A 146 18.23 -7.02 -0.10
C ASP A 146 17.76 -8.45 -0.39
N GLU A 147 16.82 -8.99 0.39
CA GLU A 147 16.38 -10.38 0.19
C GLU A 147 15.67 -10.62 -1.13
N THR A 148 15.12 -9.56 -1.79
CA THR A 148 14.51 -9.64 -3.12
C THR A 148 15.09 -8.50 -3.97
N GLU A 149 15.03 -8.61 -5.33
CA GLU A 149 15.58 -7.55 -6.19
C GLU A 149 14.87 -6.21 -5.94
N GLU A 150 13.56 -6.27 -5.73
CA GLU A 150 12.74 -5.08 -5.45
C GLU A 150 12.89 -4.53 -4.03
N CYS A 151 13.77 -5.13 -3.24
CA CYS A 151 14.13 -4.69 -1.90
C CYS A 151 12.97 -4.74 -0.93
N MET A 152 12.13 -5.77 -1.04
CA MET A 152 11.00 -5.97 -0.16
C MET A 152 11.07 -7.34 0.50
N PRO A 153 10.43 -7.47 1.67
CA PRO A 153 10.35 -8.79 2.31
C PRO A 153 9.62 -9.81 1.42
N LEU A 154 10.16 -11.04 1.39
CA LEU A 154 9.55 -12.09 0.57
C LEU A 154 8.14 -12.43 1.02
N THR A 155 7.87 -12.42 2.34
CA THR A 155 6.53 -12.70 2.85
C THR A 155 5.45 -11.84 2.24
N ILE A 156 5.67 -10.53 2.19
CA ILE A 156 4.65 -9.62 1.64
C ILE A 156 4.63 -9.65 0.12
N VAL A 157 5.78 -9.84 -0.55
CA VAL A 157 5.81 -9.95 -2.01
C VAL A 157 4.96 -11.15 -2.44
N LEU A 158 5.16 -12.30 -1.80
CA LEU A 158 4.38 -13.48 -2.13
C LEU A 158 2.90 -13.30 -1.83
N ALA A 159 2.58 -12.73 -0.66
CA ALA A 159 1.17 -12.51 -0.31
C ALA A 159 0.47 -11.61 -1.36
N HIS A 160 1.12 -10.53 -1.81
CA HIS A 160 0.54 -9.65 -2.84
C HIS A 160 0.38 -10.40 -4.17
N LYS A 161 1.38 -11.18 -4.56
CA LYS A 161 1.30 -11.89 -5.84
C LYS A 161 0.19 -12.94 -5.85
N LEU A 162 -0.12 -13.53 -4.69
CA LEU A 162 -1.21 -14.51 -4.62
C LEU A 162 -2.55 -13.79 -4.88
N ASN A 163 -2.75 -12.58 -4.32
CA ASN A 163 -3.98 -11.84 -4.61
C ASN A 163 -4.01 -11.40 -6.06
N ALA A 164 -2.88 -10.97 -6.63
CA ALA A 164 -2.85 -10.55 -8.02
C ALA A 164 -3.20 -11.71 -8.96
N LYS A 165 -2.74 -12.91 -8.63
CA LYS A 165 -3.04 -14.10 -9.43
C LYS A 165 -4.53 -14.43 -9.39
N LEU A 166 -5.16 -14.28 -8.21
CA LEU A 166 -6.61 -14.49 -8.12
C LEU A 166 -7.35 -13.51 -9.01
N ALA A 167 -6.97 -12.23 -9.01
CA ALA A 167 -7.63 -11.25 -9.86
C ALA A 167 -7.40 -11.53 -11.34
N GLU A 168 -6.21 -12.02 -11.69
CA GLU A 168 -5.90 -12.36 -13.08
C GLU A 168 -6.78 -13.49 -13.55
N LEU A 169 -6.92 -14.56 -12.76
CA LEU A 169 -7.71 -15.73 -13.13
C LEU A 169 -9.21 -15.44 -13.15
N ARG A 170 -9.65 -14.48 -12.32
CA ARG A 170 -11.04 -14.08 -12.32
C ARG A 170 -11.28 -13.28 -13.63
N ARG A 171 -10.39 -12.31 -13.94
CA ARG A 171 -10.59 -11.46 -15.11
C ARG A 171 -10.43 -12.16 -16.44
N ASN A 172 -9.58 -13.19 -16.51
CA ASN A 172 -9.43 -13.91 -17.79
C ASN A 172 -10.44 -15.07 -17.95
N GLY A 173 -11.30 -15.29 -16.96
CA GLY A 173 -12.32 -16.33 -17.05
C GLY A 173 -11.89 -17.75 -16.74
N THR A 174 -10.63 -17.96 -16.31
CA THR A 174 -10.11 -19.30 -15.96
C THR A 174 -10.90 -19.86 -14.78
N LEU A 175 -11.13 -19.02 -13.76
CA LEU A 175 -11.86 -19.43 -12.55
C LEU A 175 -13.04 -18.48 -12.43
N PRO A 176 -14.11 -18.73 -13.20
CA PRO A 176 -15.21 -17.77 -13.24
C PRO A 176 -16.05 -17.68 -11.96
N TRP A 177 -15.85 -18.62 -11.06
CA TRP A 177 -16.51 -18.61 -9.76
C TRP A 177 -15.86 -17.64 -8.78
N LEU A 178 -14.69 -17.06 -9.11
CA LEU A 178 -14.03 -16.13 -8.20
C LEU A 178 -14.75 -14.80 -8.17
N ARG A 179 -14.73 -14.18 -7.01
CA ARG A 179 -15.27 -12.86 -6.80
CA ARG A 179 -15.27 -12.84 -6.81
C ARG A 179 -14.12 -11.94 -6.33
N PRO A 180 -14.26 -10.60 -6.34
CA PRO A 180 -13.12 -9.72 -6.07
C PRO A 180 -12.52 -9.69 -4.66
N ASP A 181 -13.25 -10.06 -3.61
CA ASP A 181 -12.76 -9.98 -2.24
C ASP A 181 -11.87 -11.18 -1.90
N SER A 182 -10.63 -10.93 -1.51
CA SER A 182 -9.71 -12.03 -1.15
C SER A 182 -8.72 -11.56 -0.09
N LYS A 183 -8.16 -12.51 0.62
CA LYS A 183 -7.09 -12.28 1.59
C LYS A 183 -6.10 -13.42 1.46
N THR A 184 -4.82 -13.16 1.70
CA THR A 184 -3.79 -14.19 1.67
C THR A 184 -2.83 -13.94 2.82
N GLN A 185 -2.08 -14.98 3.19
CA GLN A 185 -1.13 -14.83 4.29
C GLN A 185 -0.03 -15.84 4.04
N VAL A 186 1.21 -15.41 4.20
CA VAL A 186 2.37 -16.27 3.95
C VAL A 186 3.31 -16.21 5.14
N THR A 187 3.72 -17.37 5.64
CA THR A 187 4.71 -17.51 6.70
C THR A 187 5.94 -18.11 6.05
N VAL A 188 7.09 -17.45 6.18
CA VAL A 188 8.35 -17.92 5.63
C VAL A 188 9.31 -18.21 6.79
N GLN A 189 10.09 -19.29 6.64
CA GLN A 189 11.15 -19.61 7.58
C GLN A 189 12.39 -18.96 7.00
N TYR A 190 13.05 -18.14 7.80
CA TYR A 190 14.24 -17.38 7.44
C TYR A 190 15.46 -17.84 8.21
N MET A 191 16.63 -17.56 7.66
CA MET A 191 17.88 -17.73 8.37
C MET A 191 18.46 -16.33 8.60
N GLN A 192 19.00 -16.08 9.79
CA GLN A 192 19.67 -14.82 10.09
C GLN A 192 21.07 -14.85 9.46
N ASP A 193 21.52 -13.74 8.90
CA ASP A 193 22.81 -13.66 8.24
C ASP A 193 23.48 -12.31 8.45
N ARG A 194 24.18 -12.13 9.58
CA ARG A 194 24.89 -10.90 9.91
C ARG A 194 23.97 -9.66 9.83
N GLY A 195 22.78 -9.79 10.39
CA GLY A 195 21.81 -8.69 10.39
C GLY A 195 20.83 -8.76 9.25
N ALA A 196 21.23 -9.37 8.14
CA ALA A 196 20.34 -9.53 6.99
C ALA A 196 19.52 -10.82 7.17
N VAL A 197 18.49 -11.04 6.34
CA VAL A 197 17.67 -12.23 6.47
C VAL A 197 17.63 -12.97 5.14
N LEU A 198 17.67 -14.31 5.20
CA LEU A 198 17.67 -15.13 4.00
C LEU A 198 16.48 -16.06 4.03
N PRO A 199 15.57 -15.97 3.05
CA PRO A 199 14.41 -16.88 3.05
C PRO A 199 14.84 -18.31 2.77
N ILE A 200 14.31 -19.29 3.51
CA ILE A 200 14.62 -20.71 3.31
C ILE A 200 13.45 -21.46 2.65
N ARG A 201 12.25 -21.32 3.21
CA ARG A 201 11.10 -22.07 2.73
C ARG A 201 9.82 -21.43 3.20
N VAL A 202 8.73 -21.76 2.51
CA VAL A 202 7.41 -21.32 2.91
C VAL A 202 6.88 -22.36 3.89
N HIS A 203 6.52 -21.90 5.08
CA HIS A 203 6.01 -22.73 6.16
C HIS A 203 4.49 -22.91 6.07
N THR A 204 3.74 -21.82 5.84
CA THR A 204 2.28 -21.87 5.77
C THR A 204 1.76 -20.85 4.78
N ILE A 205 0.70 -21.22 4.05
CA ILE A 205 -0.03 -20.27 3.21
C ILE A 205 -1.50 -20.34 3.52
N VAL A 206 -2.13 -19.18 3.65
CA VAL A 206 -3.59 -19.09 3.80
C VAL A 206 -4.12 -18.38 2.60
N ILE A 207 -5.23 -18.85 2.02
CA ILE A 207 -5.95 -18.09 1.00
C ILE A 207 -7.42 -18.19 1.28
N SER A 208 -8.11 -17.05 1.34
CA SER A 208 -9.57 -17.00 1.44
C SER A 208 -10.06 -16.13 0.33
N VAL A 209 -11.04 -16.59 -0.49
CA VAL A 209 -11.52 -15.75 -1.57
C VAL A 209 -13.01 -15.94 -1.74
N GLN A 210 -13.72 -14.84 -1.98
CA GLN A 210 -15.15 -14.85 -2.19
C GLN A 210 -15.45 -15.63 -3.48
N HIS A 211 -16.56 -16.39 -3.44
CA HIS A 211 -16.89 -17.25 -4.55
C HIS A 211 -18.38 -17.34 -4.80
N ASP A 212 -18.75 -17.91 -5.97
CA ASP A 212 -20.16 -18.06 -6.29
C ASP A 212 -20.81 -19.26 -5.56
N GLU A 213 -22.14 -19.37 -5.64
CA GLU A 213 -22.87 -20.44 -4.96
C GLU A 213 -22.81 -21.79 -5.63
N GLU A 214 -22.21 -21.89 -6.83
CA GLU A 214 -22.20 -23.13 -7.57
C GLU A 214 -20.99 -24.00 -7.34
N VAL A 215 -19.82 -23.40 -7.15
CA VAL A 215 -18.58 -24.15 -7.01
C VAL A 215 -18.46 -24.83 -5.66
N CYS A 216 -17.92 -26.06 -5.64
CA CYS A 216 -17.77 -26.75 -4.38
C CYS A 216 -16.39 -26.51 -3.76
N LEU A 217 -16.31 -26.74 -2.46
CA LEU A 217 -15.11 -26.53 -1.71
C LEU A 217 -13.89 -27.29 -2.24
N ASP A 218 -14.03 -28.55 -2.64
CA ASP A 218 -12.89 -29.32 -3.14
C ASP A 218 -12.36 -28.78 -4.45
N GLU A 219 -13.27 -28.31 -5.32
CA GLU A 219 -12.84 -27.71 -6.58
C GLU A 219 -12.07 -26.42 -6.28
N MET A 220 -12.55 -25.62 -5.33
CA MET A 220 -11.85 -24.38 -5.00
C MET A 220 -10.48 -24.69 -4.40
N ARG A 221 -10.38 -25.65 -3.47
CA ARG A 221 -9.10 -25.93 -2.82
C ARG A 221 -8.07 -26.46 -3.81
N ASP A 222 -8.50 -27.33 -4.72
CA ASP A 222 -7.64 -27.86 -5.75
C ASP A 222 -7.14 -26.72 -6.66
N ALA A 223 -8.03 -25.81 -7.09
CA ALA A 223 -7.63 -24.69 -7.95
C ALA A 223 -6.69 -23.74 -7.24
N LEU A 224 -6.93 -23.48 -5.96
CA LEU A 224 -6.07 -22.55 -5.22
C LEU A 224 -4.65 -23.13 -5.10
N LYS A 225 -4.52 -24.44 -4.93
CA LYS A 225 -3.19 -25.02 -4.83
C LYS A 225 -2.54 -25.06 -6.23
N GLU A 226 -3.24 -25.63 -7.22
CA GLU A 226 -2.64 -25.87 -8.53
C GLU A 226 -2.53 -24.67 -9.44
N LYS A 227 -3.54 -23.81 -9.45
CA LYS A 227 -3.55 -22.67 -10.37
C LYS A 227 -3.13 -21.36 -9.75
N VAL A 228 -3.13 -21.28 -8.40
CA VAL A 228 -2.76 -20.04 -7.77
C VAL A 228 -1.39 -20.21 -7.08
N ILE A 229 -1.30 -21.05 -6.03
CA ILE A 229 -0.03 -21.19 -5.30
C ILE A 229 1.11 -21.66 -6.21
N LYS A 230 0.86 -22.71 -6.99
CA LYS A 230 1.94 -23.22 -7.86
C LYS A 230 2.33 -22.26 -8.95
N ALA A 231 1.42 -21.38 -9.35
CA ALA A 231 1.72 -20.36 -10.36
C ALA A 231 2.44 -19.15 -9.81
N VAL A 232 2.57 -19.01 -8.49
CA VAL A 232 3.17 -17.83 -7.89
C VAL A 232 4.42 -18.16 -7.08
N VAL A 233 4.37 -19.21 -6.25
CA VAL A 233 5.44 -19.50 -5.32
C VAL A 233 6.38 -20.50 -5.92
N PRO A 234 7.68 -20.16 -6.01
CA PRO A 234 8.66 -21.13 -6.56
C PRO A 234 8.65 -22.45 -5.79
N ALA A 235 8.70 -23.56 -6.51
CA ALA A 235 8.66 -24.90 -5.92
C ALA A 235 9.77 -25.14 -4.92
N LYS A 236 10.91 -24.49 -5.09
CA LYS A 236 12.03 -24.64 -4.15
C LYS A 236 11.67 -24.21 -2.74
N TYR A 237 10.64 -23.36 -2.57
CA TYR A 237 10.19 -22.94 -1.25
C TYR A 237 9.13 -23.84 -0.65
N LEU A 238 8.54 -24.75 -1.44
CA LEU A 238 7.46 -25.58 -0.98
C LEU A 238 7.92 -26.98 -0.79
N ASP A 239 7.49 -27.62 0.29
CA ASP A 239 7.91 -29.01 0.53
C ASP A 239 6.79 -29.82 1.19
N GLU A 240 7.06 -31.07 1.53
CA GLU A 240 6.07 -31.95 2.16
C GLU A 240 5.52 -31.44 3.48
N ASP A 241 6.25 -30.54 4.16
CA ASP A 241 5.81 -30.02 5.43
C ASP A 241 5.05 -28.70 5.32
N THR A 242 5.00 -28.06 4.13
CA THR A 242 4.26 -26.79 3.99
C THR A 242 2.80 -26.98 4.32
N ILE A 243 2.26 -26.08 5.14
CA ILE A 243 0.88 -26.13 5.58
C ILE A 243 0.03 -25.23 4.71
N TYR A 244 -1.10 -25.75 4.23
CA TYR A 244 -2.01 -24.99 3.39
C TYR A 244 -3.35 -24.86 4.08
N HIS A 245 -3.82 -23.62 4.24
CA HIS A 245 -5.16 -23.34 4.75
C HIS A 245 -5.89 -22.62 3.62
N LEU A 246 -6.61 -23.40 2.79
CA LEU A 246 -7.27 -22.88 1.59
C LEU A 246 -8.75 -22.88 1.80
N GLN A 247 -9.39 -21.73 1.67
CA GLN A 247 -10.80 -21.59 2.05
C GLN A 247 -11.08 -22.13 3.47
N PRO A 248 -10.25 -21.75 4.47
CA PRO A 248 -10.39 -22.33 5.81
C PRO A 248 -11.73 -22.09 6.50
N SER A 249 -12.47 -21.04 6.12
CA SER A 249 -13.79 -20.82 6.71
C SER A 249 -14.83 -21.81 6.16
N GLY A 250 -14.55 -22.43 5.01
CA GLY A 250 -15.46 -23.39 4.40
C GLY A 250 -16.51 -22.81 3.47
N ARG A 251 -16.80 -21.51 3.57
CA ARG A 251 -17.83 -20.88 2.75
C ARG A 251 -17.63 -19.38 2.81
N PHE A 252 -17.55 -18.75 1.63
CA PHE A 252 -17.31 -17.32 1.50
C PHE A 252 -18.08 -16.83 0.28
N VAL A 253 -19.42 -16.93 0.34
CA VAL A 253 -20.28 -16.44 -0.75
C VAL A 253 -20.58 -14.96 -0.52
N ILE A 254 -20.93 -14.62 0.72
CA ILE A 254 -21.15 -13.21 1.09
C ILE A 254 -19.77 -12.60 1.25
N GLY A 255 -19.53 -11.50 0.55
CA GLY A 255 -18.24 -10.84 0.60
C GLY A 255 -18.34 -9.41 0.17
N GLY A 256 -17.20 -8.78 -0.01
CA GLY A 256 -17.11 -7.34 -0.28
C GLY A 256 -17.72 -6.57 0.88
N PRO A 257 -18.22 -5.35 0.63
CA PRO A 257 -18.80 -4.54 1.72
C PRO A 257 -20.00 -5.18 2.40
N GLN A 258 -20.70 -6.12 1.74
CA GLN A 258 -21.82 -6.81 2.39
C GLN A 258 -21.34 -7.69 3.55
N GLY A 259 -20.17 -8.31 3.39
CA GLY A 259 -19.65 -9.18 4.44
C GLY A 259 -18.93 -8.49 5.57
N ASP A 260 -18.39 -7.28 5.32
CA ASP A 260 -17.58 -6.58 6.30
C ASP A 260 -17.45 -5.12 5.88
N ALA A 261 -17.68 -4.18 6.81
CA ALA A 261 -17.52 -2.77 6.48
C ALA A 261 -16.08 -2.46 6.16
N GLY A 262 -15.86 -1.65 5.14
CA GLY A 262 -14.52 -1.19 4.76
C GLY A 262 -14.34 0.29 5.02
N LEU A 263 -13.10 0.69 5.35
CA LEU A 263 -12.74 2.07 5.56
C LEU A 263 -11.39 2.35 4.95
N THR A 264 -11.15 3.60 4.50
CA THR A 264 -9.82 3.96 3.99
C THR A 264 -8.80 3.89 5.14
N GLY A 265 -7.59 3.46 4.82
CA GLY A 265 -6.50 3.47 5.79
C GLY A 265 -6.55 2.41 6.87
N ARG A 266 -7.22 1.30 6.58
CA ARG A 266 -7.30 0.16 7.49
C ARG A 266 -6.43 -1.02 7.04
N LYS A 267 -5.57 -0.81 6.04
CA LYS A 267 -4.67 -1.86 5.58
C LYS A 267 -3.27 -1.25 5.46
N ILE A 268 -2.84 -0.48 6.48
CA ILE A 268 -1.58 0.26 6.35
C ILE A 268 -0.34 -0.62 6.39
N ILE A 269 -0.45 -1.83 6.94
CA ILE A 269 0.70 -2.76 7.01
C ILE A 269 0.78 -3.55 5.68
N VAL A 270 -0.39 -3.90 5.11
CA VAL A 270 -0.44 -4.46 3.75
C VAL A 270 0.11 -3.44 2.76
N ASP A 271 -0.15 -2.15 2.97
CA ASP A 271 0.32 -1.10 2.07
C ASP A 271 1.82 -0.89 2.09
N THR A 272 2.49 -1.33 3.14
CA THR A 272 3.89 -1.04 3.37
C THR A 272 4.74 -2.32 3.37
N TYR A 273 5.14 -2.83 4.55
CA TYR A 273 6.15 -3.87 4.60
C TYR A 273 5.68 -5.16 5.22
N GLY A 274 4.37 -5.33 5.43
CA GLY A 274 3.90 -6.61 5.95
C GLY A 274 4.34 -6.96 7.36
N GLY A 275 4.66 -5.93 8.15
CA GLY A 275 5.06 -6.16 9.53
C GLY A 275 6.55 -5.95 9.75
N TRP A 276 7.34 -6.02 8.67
CA TRP A 276 8.77 -5.77 8.74
C TRP A 276 9.03 -4.27 8.89
N GLY A 277 10.25 -3.90 9.28
CA GLY A 277 10.59 -2.49 9.40
C GLY A 277 9.86 -1.89 10.58
N ALA A 278 9.01 -0.91 10.31
CA ALA A 278 8.21 -0.23 11.33
C ALA A 278 7.16 0.63 10.66
N HIS A 279 6.14 1.06 11.42
CA HIS A 279 5.11 1.92 10.84
C HIS A 279 4.78 3.02 11.82
N GLY A 280 4.59 4.23 11.30
CA GLY A 280 4.24 5.38 12.15
C GLY A 280 2.76 5.61 12.35
N GLY A 281 1.91 4.86 11.64
CA GLY A 281 0.47 4.91 11.82
C GLY A 281 -0.34 5.61 10.76
N GLY A 282 0.31 6.42 9.94
CA GLY A 282 -0.41 7.21 8.95
C GLY A 282 -0.82 6.43 7.72
N ALA A 283 -2.05 6.65 7.28
CA ALA A 283 -2.60 6.03 6.06
C ALA A 283 -2.18 6.83 4.84
N PHE A 284 -2.14 6.22 3.67
CA PHE A 284 -1.71 6.89 2.46
C PHE A 284 -2.86 7.41 1.58
N SER A 285 -3.87 6.58 1.34
CA SER A 285 -4.87 6.88 0.32
C SER A 285 -5.75 8.08 0.61
N GLY A 286 -6.06 8.79 -0.44
CA GLY A 286 -6.94 9.96 -0.37
C GLY A 286 -6.28 11.25 0.04
N LYS A 287 -4.94 11.28 0.09
CA LYS A 287 -4.22 12.45 0.57
C LYS A 287 -3.27 12.99 -0.49
N ASP A 288 -3.25 14.33 -0.64
CA ASP A 288 -2.28 14.99 -1.50
C ASP A 288 -0.90 15.07 -0.81
N TYR A 289 0.11 15.51 -1.56
CA TYR A 289 1.50 15.53 -1.08
C TYR A 289 1.75 16.30 0.20
N THR A 290 0.93 17.31 0.49
CA THR A 290 1.19 18.09 1.73
C THR A 290 0.95 17.26 2.98
N LYS A 291 0.22 16.14 2.84
CA LYS A 291 0.04 15.23 3.96
C LYS A 291 1.29 14.33 4.02
N VAL A 292 2.21 14.64 4.94
CA VAL A 292 3.46 13.90 5.11
C VAL A 292 3.27 12.46 5.46
N ASP A 293 2.08 12.04 5.92
CA ASP A 293 1.80 10.60 6.14
C ASP A 293 2.09 9.81 4.85
N ARG A 294 1.81 10.42 3.69
CA ARG A 294 2.09 9.81 2.42
C ARG A 294 3.45 10.23 1.86
N SER A 295 3.68 11.52 1.60
CA SER A 295 4.90 11.96 0.93
C SER A 295 6.15 11.62 1.69
N ALA A 296 6.16 11.78 3.03
CA ALA A 296 7.39 11.48 3.79
C ALA A 296 7.62 9.98 3.91
N ALA A 297 6.55 9.16 3.92
CA ALA A 297 6.72 7.70 3.93
C ALA A 297 7.30 7.27 2.57
N TYR A 298 6.82 7.87 1.46
CA TYR A 298 7.37 7.57 0.15
C TYR A 298 8.85 7.99 0.08
N ALA A 299 9.16 9.19 0.60
CA ALA A 299 10.56 9.64 0.59
C ALA A 299 11.43 8.75 1.47
N ALA A 300 10.91 8.30 2.62
CA ALA A 300 11.71 7.43 3.50
C ALA A 300 11.97 6.07 2.84
N ARG A 301 11.00 5.53 2.07
CA ARG A 301 11.24 4.29 1.32
C ARG A 301 12.33 4.56 0.26
N TRP A 302 12.28 5.73 -0.39
CA TRP A 302 13.24 6.11 -1.39
C TRP A 302 14.66 6.19 -0.80
N VAL A 303 14.79 6.78 0.39
CA VAL A 303 16.08 6.84 1.08
C VAL A 303 16.54 5.42 1.43
N ALA A 304 15.68 4.60 2.02
CA ALA A 304 16.05 3.25 2.42
C ALA A 304 16.53 2.40 1.23
N LYS A 305 15.74 2.43 0.14
CA LYS A 305 16.09 1.69 -1.05
C LYS A 305 17.39 2.20 -1.66
N SER A 306 17.63 3.52 -1.64
CA SER A 306 18.88 4.09 -2.14
C SER A 306 20.07 3.60 -1.32
N LEU A 307 19.92 3.49 0.01
CA LEU A 307 21.03 3.02 0.84
C LEU A 307 21.34 1.55 0.54
N VAL A 308 20.32 0.70 0.31
CA VAL A 308 20.56 -0.71 0.00
C VAL A 308 21.10 -0.89 -1.41
N LYS A 309 20.43 -0.30 -2.43
CA LYS A 309 20.91 -0.41 -3.81
C LYS A 309 22.27 0.25 -4.02
N GLY A 310 22.62 1.21 -3.18
CA GLY A 310 23.92 1.89 -3.19
C GLY A 310 25.04 1.09 -2.54
N GLY A 311 24.72 -0.07 -1.99
CA GLY A 311 25.71 -0.94 -1.36
C GLY A 311 26.16 -0.53 0.02
N LEU A 312 25.43 0.39 0.67
CA LEU A 312 25.82 0.85 2.01
C LEU A 312 25.29 -0.05 3.11
N CYS A 313 24.17 -0.72 2.87
CA CYS A 313 23.64 -1.68 3.83
CA CYS A 313 23.42 -1.54 3.83
C CYS A 313 22.88 -2.75 3.09
N ARG A 314 22.61 -3.83 3.79
CA ARG A 314 21.81 -4.91 3.24
C ARG A 314 20.35 -4.77 3.67
N ARG A 315 20.09 -4.12 4.82
CA ARG A 315 18.77 -3.95 5.40
C ARG A 315 18.83 -2.66 6.17
N VAL A 316 17.79 -1.83 6.06
CA VAL A 316 17.83 -0.53 6.72
C VAL A 316 16.44 -0.03 7.00
N LEU A 317 16.33 0.70 8.11
CA LEU A 317 15.11 1.35 8.61
C LEU A 317 15.43 2.82 8.78
N VAL A 318 14.55 3.69 8.28
CA VAL A 318 14.70 5.13 8.38
C VAL A 318 13.47 5.67 9.09
N GLN A 319 13.64 6.50 10.13
CA GLN A 319 12.48 7.18 10.73
C GLN A 319 12.64 8.65 10.49
N VAL A 320 11.53 9.32 10.18
CA VAL A 320 11.48 10.78 10.07
C VAL A 320 10.23 11.21 10.86
N SER A 321 10.22 12.46 11.30
CA SER A 321 9.03 12.99 11.98
C SER A 321 8.84 14.44 11.63
N TYR A 322 7.61 14.94 11.80
CA TYR A 322 7.28 16.32 11.45
C TYR A 322 6.37 16.95 12.47
N ALA A 323 6.25 18.28 12.43
CA ALA A 323 5.26 19.03 13.20
C ALA A 323 4.40 19.76 12.15
N ILE A 324 3.08 19.86 12.38
CA ILE A 324 2.22 20.63 11.45
C ILE A 324 2.73 22.08 11.30
N GLY A 325 2.83 22.54 10.06
CA GLY A 325 3.27 23.90 9.79
C GLY A 325 4.76 24.09 9.66
N VAL A 326 5.55 23.08 9.99
CA VAL A 326 7.01 23.18 9.96
C VAL A 326 7.53 22.36 8.76
N SER A 327 8.37 22.93 7.91
CA SER A 327 8.82 22.24 6.69
C SER A 327 9.86 21.13 6.92
N HIS A 328 10.89 21.41 7.71
CA HIS A 328 11.95 20.43 7.92
C HIS A 328 11.53 19.35 8.88
N PRO A 329 11.99 18.11 8.68
CA PRO A 329 11.73 17.08 9.69
C PRO A 329 12.30 17.48 11.05
N LEU A 330 11.60 17.06 12.09
CA LEU A 330 12.04 17.29 13.46
C LEU A 330 13.16 16.33 13.88
N SER A 331 13.15 15.12 13.30
CA SER A 331 14.11 14.10 13.64
C SER A 331 14.27 13.19 12.42
N ILE A 332 15.48 12.64 12.28
CA ILE A 332 15.81 11.65 11.26
C ILE A 332 16.70 10.62 11.96
N SER A 333 16.38 9.34 11.81
CA SER A 333 17.14 8.26 12.40
C SER A 333 17.30 7.12 11.42
N ILE A 334 18.42 6.42 11.51
CA ILE A 334 18.71 5.30 10.60
C ILE A 334 19.24 4.11 11.41
N PHE A 335 18.66 2.93 11.18
CA PHE A 335 19.07 1.69 11.81
C PHE A 335 19.44 0.70 10.70
N HIS A 336 20.69 0.21 10.70
CA HIS A 336 21.14 -0.68 9.63
C HIS A 336 21.19 -2.16 10.01
N TYR A 337 20.67 -2.52 11.21
CA TYR A 337 20.56 -3.92 11.64
C TYR A 337 21.91 -4.62 11.74
N GLY A 338 23.01 -3.86 11.77
CA GLY A 338 24.35 -4.46 11.79
C GLY A 338 24.84 -4.83 10.39
N THR A 339 24.16 -4.37 9.33
CA THR A 339 24.52 -4.70 7.95
C THR A 339 25.32 -3.66 7.19
N SER A 340 25.81 -2.65 7.87
CA SER A 340 26.64 -1.63 7.21
C SER A 340 27.95 -1.53 7.95
N GLN A 341 29.01 -1.21 7.21
CA GLN A 341 30.30 -0.90 7.84
C GLN A 341 30.26 0.52 8.43
N LYS A 342 29.35 1.39 7.94
CA LYS A 342 29.25 2.76 8.43
C LYS A 342 28.38 2.86 9.66
N SER A 343 28.68 3.84 10.50
CA SER A 343 27.88 4.09 11.70
C SER A 343 26.56 4.79 11.33
N GLU A 344 25.59 4.89 12.28
CA GLU A 344 24.34 5.65 12.03
C GLU A 344 24.70 7.11 11.77
N ARG A 345 25.67 7.68 12.50
CA ARG A 345 26.07 9.07 12.29
C ARG A 345 26.57 9.27 10.85
N GLU A 346 27.38 8.34 10.34
CA GLU A 346 27.89 8.41 8.97
C GLU A 346 26.75 8.28 7.95
N LEU A 347 25.83 7.34 8.15
CA LEU A 347 24.70 7.19 7.23
C LEU A 347 23.78 8.42 7.25
N LEU A 348 23.55 9.01 8.43
CA LEU A 348 22.77 10.25 8.52
C LEU A 348 23.45 11.37 7.78
N GLU A 349 24.78 11.47 7.86
CA GLU A 349 25.48 12.51 7.11
C GLU A 349 25.33 12.30 5.61
N ILE A 350 25.37 11.03 5.15
CA ILE A 350 25.18 10.74 3.72
C ILE A 350 23.75 11.14 3.31
N VAL A 351 22.78 10.82 4.14
CA VAL A 351 21.38 11.16 3.82
C VAL A 351 21.18 12.68 3.78
N LYS A 352 21.78 13.43 4.71
CA LYS A 352 21.69 14.90 4.75
C LYS A 352 22.31 15.53 3.50
N LYS A 353 23.42 14.95 3.00
CA LYS A 353 24.07 15.46 1.81
C LYS A 353 23.28 15.17 0.54
N ASN A 354 22.44 14.13 0.52
CA ASN A 354 21.79 13.69 -0.70
C ASN A 354 20.29 13.93 -0.79
N PHE A 355 19.64 14.14 0.35
CA PHE A 355 18.18 14.29 0.34
C PHE A 355 17.71 15.51 1.08
N ASP A 356 16.59 16.08 0.62
CA ASP A 356 15.92 17.21 1.27
C ASP A 356 14.51 16.70 1.53
N LEU A 357 14.21 16.46 2.81
CA LEU A 357 12.95 15.84 3.18
C LEU A 357 11.85 16.83 3.59
N ARG A 358 11.94 18.06 3.07
CA ARG A 358 10.83 19.00 3.24
C ARG A 358 9.74 18.54 2.24
N PRO A 359 8.45 18.58 2.61
CA PRO A 359 7.40 18.15 1.66
C PRO A 359 7.40 18.90 0.34
N GLY A 360 7.71 20.20 0.40
CA GLY A 360 7.77 21.04 -0.78
C GLY A 360 8.93 20.76 -1.71
N VAL A 361 9.88 19.92 -1.27
CA VAL A 361 10.97 19.48 -2.14
C VAL A 361 10.70 18.03 -2.56
N ILE A 362 10.20 17.20 -1.65
CA ILE A 362 9.82 15.81 -1.97
C ILE A 362 8.84 15.79 -3.15
N VAL A 363 7.90 16.76 -3.18
CA VAL A 363 6.91 16.80 -4.25
C VAL A 363 7.59 16.93 -5.62
N ARG A 364 8.70 17.66 -5.70
CA ARG A 364 9.39 17.86 -6.95
C ARG A 364 10.22 16.62 -7.28
N ASP A 365 10.94 16.06 -6.30
CA ASP A 365 11.77 14.89 -6.53
C ASP A 365 10.97 13.65 -6.91
N LEU A 366 9.81 13.47 -6.30
CA LEU A 366 8.99 12.28 -6.55
C LEU A 366 7.77 12.53 -7.44
N ASP A 367 7.62 13.76 -7.99
CA ASP A 367 6.56 14.14 -8.94
C ASP A 367 5.18 13.86 -8.36
N LEU A 368 4.97 14.28 -7.10
CA LEU A 368 3.79 13.90 -6.37
C LEU A 368 2.50 14.66 -6.70
N LYS A 369 2.53 15.56 -7.68
CA LYS A 369 1.26 16.15 -8.16
C LYS A 369 0.68 15.31 -9.34
N LYS A 370 1.40 14.27 -9.79
CA LYS A 370 0.92 13.45 -10.88
C LYS A 370 -0.21 12.53 -10.42
N PRO A 371 -1.27 12.39 -11.23
CA PRO A 371 -2.39 11.55 -10.83
C PRO A 371 -2.19 10.05 -11.06
N ILE A 372 -1.24 9.46 -10.33
CA ILE A 372 -0.97 8.02 -10.43
C ILE A 372 -1.34 7.28 -9.15
N TYR A 373 -2.08 7.91 -8.23
CA TYR A 373 -2.32 7.33 -6.93
C TYR A 373 -3.23 6.14 -6.90
N GLN A 374 -4.25 6.08 -7.78
CA GLN A 374 -5.11 4.88 -7.75
C GLN A 374 -4.29 3.61 -8.03
N ARG A 375 -3.24 3.73 -8.84
CA ARG A 375 -2.35 2.59 -9.12
C ARG A 375 -1.63 2.09 -7.88
N THR A 376 -1.41 2.96 -6.88
CA THR A 376 -0.69 2.54 -5.65
C THR A 376 -1.59 1.84 -4.64
N ALA A 377 -2.93 1.96 -4.77
CA ALA A 377 -3.90 1.62 -3.74
C ALA A 377 -4.29 0.16 -3.60
N ALA A 378 -3.66 -0.73 -4.37
CA ALA A 378 -3.80 -2.17 -4.14
C ALA A 378 -2.45 -2.82 -4.43
N TYR A 379 -2.14 -3.95 -3.77
CA TYR A 379 -0.87 -4.69 -3.98
C TYR A 379 0.36 -4.02 -3.40
N GLY A 380 0.18 -3.06 -2.50
CA GLY A 380 1.31 -2.42 -1.85
C GLY A 380 1.79 -1.18 -2.56
N HIS A 381 2.28 -0.20 -1.82
CA HIS A 381 2.78 1.04 -2.42
C HIS A 381 4.25 0.94 -2.83
N PHE A 382 4.93 -0.10 -2.32
CA PHE A 382 6.36 -0.27 -2.47
C PHE A 382 6.68 -1.59 -3.15
N GLY A 383 7.81 -1.60 -3.82
CA GLY A 383 8.34 -2.78 -4.46
C GLY A 383 7.76 -3.11 -5.82
N ARG A 384 7.01 -2.18 -6.41
CA ARG A 384 6.33 -2.42 -7.68
C ARG A 384 6.46 -1.27 -8.64
N ASP A 385 6.44 -1.59 -9.93
CA ASP A 385 6.21 -0.70 -11.07
C ASP A 385 7.09 0.52 -11.23
N SER A 386 8.27 0.54 -10.62
CA SER A 386 9.21 1.64 -10.81
C SER A 386 8.60 3.03 -10.63
N PHE A 387 7.77 3.21 -9.57
CA PHE A 387 7.26 4.53 -9.16
C PHE A 387 8.49 5.37 -8.77
N PRO A 388 8.44 6.72 -8.76
CA PRO A 388 9.66 7.49 -8.48
C PRO A 388 10.39 7.13 -7.18
N TRP A 389 9.65 6.78 -6.13
CA TRP A 389 10.27 6.39 -4.86
C TRP A 389 10.93 4.99 -4.87
N GLU A 390 10.75 4.25 -5.95
CA GLU A 390 11.39 2.95 -6.14
C GLU A 390 12.63 3.06 -7.03
N VAL A 391 12.97 4.24 -7.55
CA VAL A 391 14.14 4.39 -8.43
C VAL A 391 15.22 4.95 -7.54
N PRO A 392 16.24 4.15 -7.18
CA PRO A 392 17.24 4.66 -6.22
C PRO A 392 17.96 5.89 -6.70
N LYS A 393 18.29 6.76 -5.76
CA LYS A 393 19.10 7.93 -6.06
C LYS A 393 20.58 7.52 -5.97
N LYS A 394 21.39 7.94 -6.95
CA LYS A 394 22.83 7.71 -6.94
C LYS A 394 23.42 8.64 -5.86
N LEU A 395 24.02 8.07 -4.82
CA LEU A 395 24.51 8.83 -3.69
C LEU A 395 25.91 9.36 -3.86
N LYS A 396 26.14 10.60 -3.46
CA LYS A 396 27.44 11.24 -3.53
C LYS A 396 27.95 11.41 -2.10
N TYR A 397 29.17 10.92 -1.80
CA TYR A 397 29.74 11.06 -0.46
C TYR A 397 31.25 10.88 -0.47
C1 U6R B . 11.33 -7.48 12.75
C2 U6R B . 11.74 -7.64 14.07
C3 U6R B . 12.39 -8.81 14.45
C7 U6R B . 13.33 -11.05 13.90
C8 U6R B . 12.69 -12.09 14.53
C9 U6R B . 13.42 -13.27 14.86
C10 U6R B . 14.78 -13.33 14.52
C11 U6R B . 15.37 -12.29 13.91
C12 U6R B . 11.39 -12.35 15.00
C13 U6R B . 10.18 -11.48 14.93
C14 U6R B . 9.01 -11.78 15.85
C15 U6R B . 8.89 -12.06 14.40
O1 U6R B . 15.29 -10.24 13.00
N U6R B . 14.67 -11.20 13.59
C4 U6R B . 12.65 -9.81 13.51
C5 U6R B . 12.23 -9.62 12.20
C6 U6R B . 11.58 -8.46 11.82
O U6R B . 10.69 -6.41 12.18
C U6R B . 9.78 -5.67 12.99
N1 U6R B . 12.57 -14.12 15.47
N2 U6R B . 11.29 -13.59 15.57
N SAM C . -16.42 -7.92 10.50
CA SAM C . -16.40 -9.39 10.44
C SAM C . -17.37 -10.07 11.39
O SAM C . -17.09 -11.08 12.01
OXT SAM C . -18.55 -9.51 11.39
CB SAM C . -14.97 -9.90 10.70
CG SAM C . -14.06 -9.47 9.56
SD SAM C . -14.21 -10.43 8.04
CE SAM C . -13.80 -12.11 8.51
C5' SAM C . -12.71 -9.65 7.45
C4' SAM C . -12.34 -9.92 6.02
O4' SAM C . -12.32 -11.36 5.85
C3' SAM C . -13.38 -9.43 5.03
O3' SAM C . -13.12 -8.07 4.67
C2' SAM C . -13.15 -10.37 3.85
O2' SAM C . -12.00 -10.01 3.11
C1' SAM C . -12.87 -11.68 4.57
N9 SAM C . -14.05 -12.52 4.75
C8 SAM C . -15.36 -12.13 4.76
N7 SAM C . -16.21 -13.14 4.84
C5 SAM C . -15.39 -14.25 4.88
C6 SAM C . -15.67 -15.63 4.93
N6 SAM C . -16.91 -16.14 4.95
N1 SAM C . -14.62 -16.48 4.94
C2 SAM C . -13.38 -15.98 4.90
N3 SAM C . -12.99 -14.71 4.84
C4 SAM C . -14.06 -13.89 4.84
#